data_9GZG
#
_entry.id   9GZG
#
_cell.length_a   105.915
_cell.length_b   73.514
_cell.length_c   40.778
_cell.angle_alpha   90.00
_cell.angle_beta   98.41
_cell.angle_gamma   90.00
#
_symmetry.space_group_name_H-M   'C 1 2 1'
#
loop_
_entity.id
_entity.type
_entity.pdbx_description
1 polymer 'Engineered CTPR protein with glutamic acids for conductivity'
2 non-polymer 'NONAETHYLENE GLYCOL'
3 non-polymer 'TRIETHYLENE GLYCOL'
4 non-polymer 'MALONIC ACID'
5 water water
#
_entity_poly.entity_id   1
_entity_poly.type   'polypeptide(L)'
_entity_poly.pdbx_seq_one_letter_code
;GHMAEAWEELGEAYEKQGDYDEAIEYYQKALELDPRSAEAWEELGEAYEKQGDYDEAIEYYQKALELDPRSAEAWEELGE
AYEKQGDYDEAIEYYQKALELDPRSAEAWEELGEAYEKQGDYDEAIEYYQKALELDPRSAEAKQNLGNAKQKQG
;
_entity_poly.pdbx_strand_id   A,B
#
# COMPACT_ATOMS: atom_id res chain seq x y z
N GLY A 1 15.24 -19.45 -8.87
CA GLY A 1 14.36 -20.63 -8.88
C GLY A 1 13.60 -20.80 -7.57
N HIS A 2 13.30 -22.05 -7.18
CA HIS A 2 12.46 -22.30 -6.01
C HIS A 2 13.14 -21.89 -4.71
N MET A 3 14.46 -22.04 -4.57
CA MET A 3 15.14 -21.64 -3.34
C MET A 3 14.99 -20.13 -3.09
N ALA A 4 15.21 -19.35 -4.15
CA ALA A 4 15.06 -17.89 -4.06
C ALA A 4 13.63 -17.54 -3.73
N GLU A 5 12.68 -18.20 -4.40
CA GLU A 5 11.28 -17.91 -4.22
CA GLU A 5 11.29 -17.87 -4.20
C GLU A 5 10.86 -18.21 -2.78
N ALA A 6 11.48 -19.20 -2.14
CA ALA A 6 11.17 -19.56 -0.78
C ALA A 6 11.68 -18.50 0.22
N TRP A 7 12.85 -17.91 -0.05
CA TRP A 7 13.31 -16.77 0.73
C TRP A 7 12.35 -15.60 0.61
N GLU A 8 11.85 -15.37 -0.62
CA GLU A 8 10.92 -14.29 -0.90
C GLU A 8 9.62 -14.51 -0.13
N GLU A 9 9.11 -15.74 -0.05
CA GLU A 9 7.92 -16.04 0.72
C GLU A 9 8.16 -15.92 2.22
N LEU A 10 9.38 -16.25 2.70
CA LEU A 10 9.72 -16.04 4.09
C LEU A 10 9.68 -14.53 4.37
N GLY A 11 10.25 -13.72 3.48
CA GLY A 11 10.19 -12.26 3.58
C GLY A 11 8.75 -11.79 3.75
N GLU A 12 7.88 -12.33 2.87
CA GLU A 12 6.47 -11.97 2.90
C GLU A 12 5.83 -12.36 4.23
N ALA A 13 6.12 -13.55 4.75
CA ALA A 13 5.53 -14.02 5.99
C ALA A 13 5.85 -13.08 7.15
N TYR A 14 7.08 -12.56 7.21
CA TYR A 14 7.49 -11.69 8.29
C TYR A 14 6.90 -10.30 8.08
N GLU A 15 6.82 -9.91 6.81
CA GLU A 15 6.34 -8.57 6.52
C GLU A 15 4.88 -8.44 6.96
N LYS A 16 4.11 -9.53 6.97
CA LYS A 16 2.71 -9.46 7.34
C LYS A 16 2.49 -9.28 8.84
N GLN A 17 3.53 -9.53 9.65
CA GLN A 17 3.50 -9.23 11.07
C GLN A 17 4.12 -7.87 11.36
N GLY A 18 4.45 -7.09 10.32
CA GLY A 18 5.06 -5.78 10.48
C GLY A 18 6.57 -5.85 10.66
N ASP A 19 7.14 -7.06 10.51
CA ASP A 19 8.53 -7.35 10.88
C ASP A 19 9.43 -7.01 9.69
N TYR A 20 9.56 -5.70 9.40
CA TYR A 20 10.18 -5.26 8.15
C TYR A 20 11.67 -5.59 8.14
N ASP A 21 12.33 -5.59 9.31
CA ASP A 21 13.75 -5.85 9.37
C ASP A 21 14.05 -7.27 8.91
N GLU A 22 13.35 -8.23 9.51
CA GLU A 22 13.51 -9.61 9.08
C GLU A 22 13.08 -9.75 7.63
N ALA A 23 11.96 -9.12 7.22
CA ALA A 23 11.52 -9.20 5.83
C ALA A 23 12.64 -8.79 4.86
N ILE A 24 13.30 -7.66 5.15
CA ILE A 24 14.37 -7.19 4.29
C ILE A 24 15.53 -8.18 4.27
N GLU A 25 15.87 -8.75 5.43
CA GLU A 25 16.92 -9.75 5.49
C GLU A 25 16.64 -10.87 4.50
N TYR A 26 15.39 -11.35 4.50
CA TYR A 26 15.07 -12.52 3.68
C TYR A 26 14.90 -12.17 2.22
N TYR A 27 14.38 -10.98 1.89
CA TYR A 27 14.31 -10.56 0.51
C TYR A 27 15.70 -10.42 -0.09
N GLN A 28 16.65 -9.93 0.71
CA GLN A 28 18.02 -9.80 0.25
C GLN A 28 18.64 -11.18 0.02
N LYS A 29 18.36 -12.14 0.91
CA LYS A 29 18.81 -13.49 0.68
C LYS A 29 18.30 -13.99 -0.66
N ALA A 30 17.01 -13.78 -0.97
CA ALA A 30 16.44 -14.22 -2.24
C ALA A 30 17.25 -13.64 -3.39
N LEU A 31 17.62 -12.35 -3.29
CA LEU A 31 18.33 -11.68 -4.37
C LEU A 31 19.76 -12.21 -4.55
N GLU A 32 20.39 -12.66 -3.45
CA GLU A 32 21.72 -13.24 -3.51
C GLU A 32 21.66 -14.54 -4.31
N LEU A 33 20.57 -15.30 -4.13
CA LEU A 33 20.41 -16.56 -4.84
C LEU A 33 19.99 -16.33 -6.28
N ASP A 34 19.03 -15.42 -6.51
CA ASP A 34 18.65 -15.09 -7.87
C ASP A 34 18.58 -13.57 -8.07
N PRO A 35 19.72 -12.92 -8.38
CA PRO A 35 19.73 -11.48 -8.64
C PRO A 35 19.08 -11.01 -9.94
N ARG A 36 18.56 -11.94 -10.75
CA ARG A 36 17.91 -11.59 -12.00
C ARG A 36 16.39 -11.69 -11.88
N SER A 37 15.83 -11.84 -10.68
CA SER A 37 14.39 -11.86 -10.50
C SER A 37 13.90 -10.42 -10.31
N ALA A 38 13.28 -9.87 -11.35
CA ALA A 38 12.64 -8.57 -11.26
C ALA A 38 11.71 -8.50 -10.05
N GLU A 39 10.91 -9.55 -9.81
CA GLU A 39 9.84 -9.51 -8.83
C GLU A 39 10.43 -9.37 -7.43
N ALA A 40 11.61 -9.97 -7.20
CA ALA A 40 12.29 -9.94 -5.91
C ALA A 40 12.85 -8.56 -5.60
N TRP A 41 13.40 -7.86 -6.60
CA TRP A 41 13.82 -6.48 -6.43
C TRP A 41 12.61 -5.59 -6.12
N GLU A 42 11.48 -5.87 -6.77
CA GLU A 42 10.25 -5.11 -6.55
C GLU A 42 9.77 -5.29 -5.11
N GLU A 43 9.85 -6.52 -4.59
CA GLU A 43 9.37 -6.86 -3.25
C GLU A 43 10.17 -6.08 -2.21
N LEU A 44 11.48 -6.03 -2.43
CA LEU A 44 12.39 -5.27 -1.61
C LEU A 44 12.01 -3.80 -1.69
N GLY A 45 11.76 -3.31 -2.92
CA GLY A 45 11.41 -1.90 -3.06
C GLY A 45 10.10 -1.59 -2.32
N GLU A 46 9.13 -2.50 -2.42
CA GLU A 46 7.83 -2.34 -1.78
C GLU A 46 7.98 -2.34 -0.28
N ALA A 47 8.90 -3.13 0.26
CA ALA A 47 9.17 -3.09 1.70
C ALA A 47 9.64 -1.73 2.18
N TYR A 48 10.54 -1.07 1.43
CA TYR A 48 10.97 0.27 1.77
C TYR A 48 9.81 1.25 1.62
N GLU A 49 9.05 1.13 0.55
CA GLU A 49 8.02 2.12 0.26
C GLU A 49 6.99 2.09 1.39
N LYS A 50 6.66 0.88 1.84
CA LYS A 50 5.69 0.66 2.92
C LYS A 50 6.11 1.36 4.20
N GLN A 51 7.41 1.54 4.40
CA GLN A 51 7.96 2.18 5.57
C GLN A 51 8.23 3.68 5.35
N GLY A 52 7.91 4.22 4.17
CA GLY A 52 8.12 5.63 3.91
C GLY A 52 9.53 5.97 3.45
N ASP A 53 10.31 4.93 3.06
CA ASP A 53 11.73 5.06 2.73
C ASP A 53 11.86 5.15 1.20
N TYR A 54 11.42 6.26 0.62
CA TYR A 54 11.17 6.33 -0.83
C TYR A 54 12.49 6.31 -1.60
N ASP A 55 13.55 6.91 -1.05
CA ASP A 55 14.87 6.88 -1.68
C ASP A 55 15.32 5.45 -1.97
N GLU A 56 15.24 4.58 -0.97
CA GLU A 56 15.69 3.20 -1.09
C GLU A 56 14.77 2.44 -2.03
N ALA A 57 13.44 2.67 -1.88
CA ALA A 57 12.47 2.05 -2.77
C ALA A 57 12.86 2.28 -4.23
N ILE A 58 13.14 3.53 -4.57
CA ILE A 58 13.43 3.92 -5.94
C ILE A 58 14.64 3.15 -6.46
N GLU A 59 15.71 3.10 -5.66
CA GLU A 59 16.89 2.35 -6.07
C GLU A 59 16.54 0.92 -6.44
N TYR A 60 15.71 0.22 -5.64
CA TYR A 60 15.31 -1.14 -5.94
C TYR A 60 14.29 -1.26 -7.09
N TYR A 61 13.35 -0.34 -7.22
CA TYR A 61 12.45 -0.38 -8.38
C TYR A 61 13.22 -0.13 -9.68
N GLN A 62 14.22 0.74 -9.65
CA GLN A 62 14.99 0.97 -10.87
C GLN A 62 15.70 -0.31 -11.31
N LYS A 63 16.24 -1.08 -10.33
CA LYS A 63 16.86 -2.37 -10.60
C LYS A 63 15.88 -3.37 -11.20
N ALA A 64 14.69 -3.48 -10.61
CA ALA A 64 13.63 -4.30 -11.16
C ALA A 64 13.36 -4.01 -12.64
N LEU A 65 13.30 -2.73 -13.00
CA LEU A 65 12.96 -2.29 -14.35
C LEU A 65 14.09 -2.55 -15.33
N GLU A 66 15.33 -2.50 -14.82
CA GLU A 66 16.49 -2.82 -15.65
C GLU A 66 16.38 -4.27 -16.08
N LEU A 67 15.85 -5.11 -15.19
CA LEU A 67 15.71 -6.54 -15.48
C LEU A 67 14.45 -6.81 -16.29
N ASP A 68 13.34 -6.10 -16.01
CA ASP A 68 12.10 -6.28 -16.75
C ASP A 68 11.49 -4.93 -17.09
N PRO A 69 11.96 -4.28 -18.17
CA PRO A 69 11.45 -2.96 -18.53
C PRO A 69 10.00 -2.94 -19.01
N ARG A 70 9.39 -4.13 -19.15
CA ARG A 70 8.00 -4.25 -19.57
C ARG A 70 7.05 -4.46 -18.40
N SER A 71 7.56 -4.37 -17.16
CA SER A 71 6.72 -4.57 -15.98
C SER A 71 5.91 -3.30 -15.71
N ALA A 72 4.62 -3.32 -16.03
CA ALA A 72 3.75 -2.19 -15.73
C ALA A 72 3.71 -1.90 -14.23
N GLU A 73 3.69 -2.96 -13.43
CA GLU A 73 3.52 -2.81 -11.99
C GLU A 73 4.76 -2.11 -11.46
N ALA A 74 5.95 -2.46 -11.97
CA ALA A 74 7.17 -1.83 -11.51
C ALA A 74 7.24 -0.34 -11.89
N TRP A 75 6.82 0.01 -13.10
CA TRP A 75 6.71 1.43 -13.47
C TRP A 75 5.74 2.15 -12.55
N GLU A 76 4.62 1.49 -12.19
CA GLU A 76 3.61 2.11 -11.35
C GLU A 76 4.21 2.39 -9.97
N GLU A 77 4.91 1.39 -9.43
CA GLU A 77 5.52 1.54 -8.11
C GLU A 77 6.59 2.61 -8.10
N LEU A 78 7.38 2.71 -9.17
CA LEU A 78 8.37 3.78 -9.28
C LEU A 78 7.67 5.15 -9.27
N GLY A 79 6.57 5.24 -10.03
CA GLY A 79 5.79 6.46 -10.08
C GLY A 79 5.29 6.84 -8.70
N GLU A 80 4.79 5.84 -7.95
CA GLU A 80 4.25 6.09 -6.62
C GLU A 80 5.32 6.69 -5.70
N ALA A 81 6.55 6.18 -5.77
CA ALA A 81 7.63 6.63 -4.90
C ALA A 81 7.99 8.08 -5.21
N TYR A 82 7.97 8.46 -6.48
CA TYR A 82 8.22 9.85 -6.83
C TYR A 82 7.04 10.69 -6.40
N GLU A 83 5.82 10.20 -6.62
CA GLU A 83 4.63 10.99 -6.32
C GLU A 83 4.63 11.31 -4.82
N LYS A 84 4.90 10.28 -4.00
CA LYS A 84 4.86 10.45 -2.54
C LYS A 84 5.95 11.42 -2.06
N GLN A 85 6.96 11.69 -2.87
CA GLN A 85 8.01 12.65 -2.58
C GLN A 85 7.69 14.02 -3.17
N GLY A 86 6.58 14.13 -3.90
CA GLY A 86 6.11 15.38 -4.48
C GLY A 86 6.73 15.65 -5.85
N ASP A 87 7.34 14.63 -6.48
CA ASP A 87 7.93 14.79 -7.80
C ASP A 87 6.93 14.37 -8.86
N TYR A 88 5.92 15.20 -9.10
CA TYR A 88 4.74 14.80 -9.86
C TYR A 88 5.10 14.59 -11.34
N ASP A 89 6.00 15.39 -11.88
CA ASP A 89 6.30 15.24 -13.30
C ASP A 89 6.92 13.85 -13.55
N GLU A 90 7.85 13.45 -12.69
CA GLU A 90 8.46 12.14 -12.86
C GLU A 90 7.46 11.03 -12.59
N ALA A 91 6.66 11.20 -11.53
CA ALA A 91 5.57 10.29 -11.23
C ALA A 91 4.71 10.09 -12.47
N ILE A 92 4.34 11.18 -13.14
CA ILE A 92 3.43 11.05 -14.27
C ILE A 92 4.10 10.31 -15.42
N GLU A 93 5.36 10.60 -15.69
CA GLU A 93 6.08 9.91 -16.74
C GLU A 93 6.00 8.40 -16.53
N TYR A 94 6.21 7.98 -15.27
CA TYR A 94 6.27 6.56 -14.97
C TYR A 94 4.87 5.94 -14.99
N TYR A 95 3.89 6.66 -14.46
CA TYR A 95 2.50 6.21 -14.52
C TYR A 95 2.06 6.06 -15.98
N GLN A 96 2.46 6.98 -16.87
CA GLN A 96 2.08 6.85 -18.27
C GLN A 96 2.73 5.63 -18.93
N LYS A 97 3.98 5.34 -18.56
CA LYS A 97 4.67 4.15 -19.06
C LYS A 97 3.92 2.90 -18.66
N ALA A 98 3.46 2.91 -17.41
CA ALA A 98 2.75 1.75 -16.87
C ALA A 98 1.43 1.55 -17.62
N LEU A 99 0.73 2.66 -17.83
CA LEU A 99 -0.54 2.62 -18.54
C LEU A 99 -0.34 2.12 -19.96
N GLU A 100 0.72 2.58 -20.66
CA GLU A 100 0.94 2.18 -22.04
C GLU A 100 1.26 0.70 -22.11
N LEU A 101 1.87 0.14 -21.05
CA LEU A 101 2.17 -1.28 -21.01
C LEU A 101 0.95 -2.11 -20.65
N ASP A 102 0.07 -1.59 -19.78
CA ASP A 102 -1.14 -2.30 -19.38
C ASP A 102 -2.32 -1.35 -19.20
N PRO A 103 -3.01 -0.95 -20.29
CA PRO A 103 -4.07 0.05 -20.21
C PRO A 103 -5.35 -0.46 -19.54
N ARG A 104 -5.37 -1.76 -19.22
CA ARG A 104 -6.50 -2.35 -18.53
C ARG A 104 -6.33 -2.27 -17.00
N SER A 105 -5.25 -1.66 -16.52
CA SER A 105 -5.03 -1.45 -15.09
C SER A 105 -5.78 -0.23 -14.58
N ALA A 106 -6.86 -0.46 -13.83
CA ALA A 106 -7.63 0.65 -13.30
C ALA A 106 -6.73 1.53 -12.44
N GLU A 107 -5.80 0.91 -11.71
CA GLU A 107 -4.98 1.60 -10.72
C GLU A 107 -4.05 2.60 -11.43
N ALA A 108 -3.49 2.23 -12.58
CA ALA A 108 -2.66 3.13 -13.36
C ALA A 108 -3.44 4.39 -13.77
N TRP A 109 -4.67 4.23 -14.25
CA TRP A 109 -5.50 5.40 -14.59
C TRP A 109 -5.78 6.22 -13.34
N GLU A 110 -6.09 5.58 -12.23
CA GLU A 110 -6.52 6.28 -11.03
C GLU A 110 -5.34 7.09 -10.48
N GLU A 111 -4.15 6.48 -10.51
CA GLU A 111 -2.97 7.15 -9.95
C GLU A 111 -2.60 8.36 -10.82
N LEU A 112 -2.77 8.26 -12.14
CA LEU A 112 -2.57 9.40 -13.00
C LEU A 112 -3.60 10.49 -12.74
N GLY A 113 -4.87 10.09 -12.47
CA GLY A 113 -5.87 11.05 -12.11
C GLY A 113 -5.47 11.81 -10.84
N GLU A 114 -4.94 11.08 -9.84
CA GLU A 114 -4.55 11.70 -8.58
C GLU A 114 -3.45 12.73 -8.82
N ALA A 115 -2.47 12.35 -9.63
CA ALA A 115 -1.34 13.23 -9.92
C ALA A 115 -1.80 14.50 -10.64
N TYR A 116 -2.67 14.35 -11.64
CA TYR A 116 -3.21 15.52 -12.33
C TYR A 116 -4.02 16.39 -11.38
N GLU A 117 -4.82 15.75 -10.51
CA GLU A 117 -5.63 16.51 -9.56
C GLU A 117 -4.72 17.41 -8.70
N LYS A 118 -3.61 16.84 -8.23
CA LYS A 118 -2.68 17.51 -7.32
C LYS A 118 -1.97 18.66 -8.03
N GLN A 119 -1.89 18.59 -9.37
CA GLN A 119 -1.32 19.67 -10.17
C GLN A 119 -2.37 20.69 -10.61
N GLY A 120 -3.65 20.46 -10.32
CA GLY A 120 -4.70 21.41 -10.67
C GLY A 120 -5.32 21.17 -12.04
N ASP A 121 -4.99 20.05 -12.69
CA ASP A 121 -5.58 19.70 -13.97
C ASP A 121 -6.85 18.86 -13.76
N TYR A 122 -7.93 19.49 -13.32
CA TYR A 122 -9.09 18.78 -12.81
C TYR A 122 -9.87 18.13 -13.94
N ASP A 123 -9.93 18.78 -15.13
CA ASP A 123 -10.69 18.21 -16.24
C ASP A 123 -10.04 16.92 -16.74
N GLU A 124 -8.71 16.95 -16.84
CA GLU A 124 -7.99 15.74 -17.19
C GLU A 124 -8.09 14.70 -16.08
N ALA A 125 -7.92 15.10 -14.81
CA ALA A 125 -8.08 14.19 -13.68
C ALA A 125 -9.42 13.45 -13.80
N ILE A 126 -10.49 14.20 -14.05
CA ILE A 126 -11.83 13.63 -14.17
C ILE A 126 -11.89 12.54 -15.24
N GLU A 127 -11.30 12.81 -16.41
CA GLU A 127 -11.26 11.87 -17.50
C GLU A 127 -10.53 10.60 -17.06
N TYR A 128 -9.40 10.77 -16.37
CA TYR A 128 -8.64 9.63 -15.90
C TYR A 128 -9.44 8.81 -14.88
N TYR A 129 -10.05 9.47 -13.91
CA TYR A 129 -10.88 8.78 -12.90
C TYR A 129 -12.05 8.04 -13.57
N GLN A 130 -12.63 8.64 -14.60
CA GLN A 130 -13.72 7.98 -15.31
C GLN A 130 -13.25 6.69 -15.97
N LYS A 131 -12.05 6.74 -16.57
CA LYS A 131 -11.49 5.56 -17.17
C LYS A 131 -11.25 4.50 -16.11
N ALA A 132 -10.68 4.88 -14.95
CA ALA A 132 -10.48 3.94 -13.88
C ALA A 132 -11.81 3.28 -13.51
N LEU A 133 -12.84 4.09 -13.40
CA LEU A 133 -14.15 3.59 -12.99
C LEU A 133 -14.82 2.73 -14.05
N GLU A 134 -14.49 2.96 -15.32
CA GLU A 134 -14.97 2.10 -16.39
C GLU A 134 -14.34 0.71 -16.21
N LEU A 135 -13.10 0.62 -15.73
CA LEU A 135 -12.42 -0.66 -15.58
C LEU A 135 -12.77 -1.29 -14.23
N ASP A 136 -13.03 -0.46 -13.20
CA ASP A 136 -13.21 -0.91 -11.83
C ASP A 136 -14.32 -0.08 -11.20
N PRO A 137 -15.59 -0.39 -11.55
CA PRO A 137 -16.71 0.45 -11.13
C PRO A 137 -16.98 0.43 -9.63
N ARG A 138 -16.40 -0.54 -8.90
CA ARG A 138 -16.58 -0.56 -7.45
C ARG A 138 -15.48 0.19 -6.68
N SER A 139 -14.61 0.97 -7.37
CA SER A 139 -13.62 1.78 -6.69
C SER A 139 -14.26 3.00 -6.03
N ALA A 140 -14.54 2.90 -4.72
CA ALA A 140 -14.92 4.06 -3.92
C ALA A 140 -13.85 5.15 -3.95
N GLU A 141 -12.60 4.73 -4.01
CA GLU A 141 -11.48 5.65 -4.05
C GLU A 141 -11.59 6.58 -5.27
N ALA A 142 -11.71 5.98 -6.47
CA ALA A 142 -11.83 6.74 -7.71
C ALA A 142 -13.04 7.66 -7.65
N LYS A 143 -14.16 7.16 -7.12
CA LYS A 143 -15.38 7.94 -7.05
C LYS A 143 -15.24 9.14 -6.14
N GLN A 144 -14.64 8.93 -4.97
CA GLN A 144 -14.32 10.00 -4.01
C GLN A 144 -13.46 11.07 -4.66
N ASN A 145 -12.41 10.63 -5.36
CA ASN A 145 -11.48 11.55 -5.96
C ASN A 145 -12.13 12.29 -7.12
N LEU A 146 -12.97 11.60 -7.90
CA LEU A 146 -13.70 12.22 -8.98
C LEU A 146 -14.58 13.32 -8.41
N GLY A 147 -15.25 13.01 -7.31
CA GLY A 147 -16.14 13.97 -6.66
C GLY A 147 -15.38 15.21 -6.23
N ASN A 148 -14.21 15.02 -5.63
CA ASN A 148 -13.38 16.12 -5.16
C ASN A 148 -12.93 16.96 -6.35
N ALA A 149 -12.51 16.30 -7.45
CA ALA A 149 -12.04 17.05 -8.61
C ALA A 149 -13.16 17.94 -9.12
N LYS A 150 -14.35 17.36 -9.28
CA LYS A 150 -15.56 18.10 -9.61
C LYS A 150 -15.78 19.26 -8.65
N GLN A 151 -15.57 19.05 -7.35
CA GLN A 151 -15.80 20.08 -6.36
C GLN A 151 -14.80 21.23 -6.51
N LYS A 152 -13.56 20.93 -6.90
CA LYS A 152 -12.51 21.94 -7.02
C LYS A 152 -12.59 22.66 -8.36
N GLN A 153 -13.35 22.11 -9.29
CA GLN A 153 -13.42 22.64 -10.64
C GLN A 153 -14.31 23.87 -10.67
N GLY A 154 -15.51 23.73 -10.11
CA GLY A 154 -16.50 24.79 -10.10
C GLY A 154 -17.88 24.26 -10.45
N GLY B 1 -4.40 -25.19 7.43
CA GLY B 1 -3.11 -25.89 7.28
C GLY B 1 -2.44 -25.61 5.93
N HIS B 2 -1.67 -26.60 5.46
CA HIS B 2 -0.74 -26.35 4.37
C HIS B 2 -1.50 -26.13 3.07
N MET B 3 -2.55 -26.94 2.83
CA MET B 3 -3.29 -26.78 1.59
C MET B 3 -3.89 -25.37 1.54
N ALA B 4 -4.56 -24.97 2.63
CA ALA B 4 -5.11 -23.62 2.69
C ALA B 4 -4.03 -22.57 2.43
N GLU B 5 -2.87 -22.67 3.10
CA GLU B 5 -1.87 -21.63 2.98
C GLU B 5 -1.35 -21.56 1.55
N ALA B 6 -1.35 -22.70 0.86
CA ALA B 6 -0.90 -22.72 -0.52
C ALA B 6 -1.88 -22.00 -1.45
N TRP B 7 -3.19 -22.18 -1.23
CA TRP B 7 -4.19 -21.44 -1.99
C TRP B 7 -4.03 -19.96 -1.69
N GLU B 8 -3.75 -19.64 -0.43
CA GLU B 8 -3.53 -18.25 -0.05
C GLU B 8 -2.34 -17.66 -0.79
N GLU B 9 -1.24 -18.40 -0.92
CA GLU B 9 -0.03 -17.92 -1.54
C GLU B 9 -0.29 -17.70 -3.03
N LEU B 10 -1.15 -18.53 -3.62
CA LEU B 10 -1.54 -18.38 -5.02
C LEU B 10 -2.32 -17.08 -5.19
N GLY B 11 -3.26 -16.83 -4.27
CA GLY B 11 -4.00 -15.59 -4.24
C GLY B 11 -3.03 -14.41 -4.21
N GLU B 12 -2.01 -14.47 -3.35
CA GLU B 12 -1.06 -13.40 -3.16
C GLU B 12 -0.26 -13.20 -4.44
N ALA B 13 0.16 -14.29 -5.11
CA ALA B 13 0.89 -14.17 -6.36
C ALA B 13 0.06 -13.54 -7.48
N TYR B 14 -1.22 -13.89 -7.58
CA TYR B 14 -2.11 -13.32 -8.59
C TYR B 14 -2.49 -11.89 -8.20
N GLU B 15 -2.71 -11.65 -6.90
CA GLU B 15 -3.09 -10.32 -6.46
C GLU B 15 -1.98 -9.34 -6.86
N LYS B 16 -0.73 -9.74 -6.65
CA LYS B 16 0.39 -8.85 -6.86
C LYS B 16 0.63 -8.60 -8.36
N GLN B 17 -0.11 -9.26 -9.26
CA GLN B 17 -0.01 -9.04 -10.70
C GLN B 17 -1.23 -8.35 -11.30
N GLY B 18 -2.18 -7.89 -10.46
CA GLY B 18 -3.34 -7.16 -10.91
C GLY B 18 -4.46 -8.09 -11.36
N ASP B 19 -4.29 -9.39 -11.05
CA ASP B 19 -5.26 -10.40 -11.43
C ASP B 19 -6.23 -10.63 -10.26
N TYR B 20 -7.08 -9.62 -9.96
CA TYR B 20 -7.85 -9.56 -8.72
C TYR B 20 -8.99 -10.56 -8.72
N ASP B 21 -9.60 -10.77 -9.88
CA ASP B 21 -10.68 -11.72 -9.99
C ASP B 21 -10.11 -13.08 -9.59
N GLU B 22 -8.90 -13.38 -10.10
CA GLU B 22 -8.27 -14.68 -9.90
C GLU B 22 -7.83 -14.81 -8.44
N ALA B 23 -7.04 -13.84 -7.98
CA ALA B 23 -6.56 -13.77 -6.60
C ALA B 23 -7.69 -14.02 -5.61
N ILE B 24 -8.85 -13.37 -5.81
CA ILE B 24 -9.94 -13.48 -4.88
C ILE B 24 -10.49 -14.90 -4.94
N GLU B 25 -10.54 -15.48 -6.14
CA GLU B 25 -10.98 -16.86 -6.25
C GLU B 25 -10.11 -17.76 -5.37
N TYR B 26 -8.80 -17.54 -5.38
CA TYR B 26 -7.86 -18.42 -4.69
C TYR B 26 -7.82 -18.12 -3.18
N TYR B 27 -7.96 -16.85 -2.78
CA TYR B 27 -8.19 -16.54 -1.37
C TYR B 27 -9.46 -17.20 -0.87
N GLN B 28 -10.53 -17.21 -1.67
CA GLN B 28 -11.78 -17.82 -1.28
C GLN B 28 -11.61 -19.32 -1.11
N LYS B 29 -10.80 -19.96 -1.95
CA LYS B 29 -10.53 -21.37 -1.77
C LYS B 29 -9.76 -21.62 -0.47
N ALA B 30 -8.76 -20.78 -0.20
CA ALA B 30 -8.02 -20.89 1.04
C ALA B 30 -8.99 -20.83 2.22
N LEU B 31 -9.96 -19.93 2.14
CA LEU B 31 -10.81 -19.69 3.30
C LEU B 31 -11.88 -20.77 3.43
N GLU B 32 -12.22 -21.43 2.33
CA GLU B 32 -13.13 -22.56 2.39
C GLU B 32 -12.47 -23.69 3.17
N LEU B 33 -11.18 -23.86 2.95
CA LEU B 33 -10.42 -24.91 3.61
C LEU B 33 -10.12 -24.54 5.06
N ASP B 34 -9.75 -23.28 5.33
CA ASP B 34 -9.41 -22.84 6.68
C ASP B 34 -10.05 -21.48 6.99
N PRO B 35 -11.34 -21.45 7.36
CA PRO B 35 -12.00 -20.18 7.64
C PRO B 35 -11.47 -19.44 8.86
N ARG B 36 -10.56 -20.04 9.63
CA ARG B 36 -9.98 -19.43 10.82
C ARG B 36 -8.64 -18.73 10.56
N SER B 37 -8.20 -18.67 9.30
CA SER B 37 -6.92 -18.07 8.98
C SER B 37 -7.06 -16.55 8.90
N ALA B 38 -6.65 -15.85 9.96
CA ALA B 38 -6.75 -14.40 10.00
C ALA B 38 -5.99 -13.77 8.82
N GLU B 39 -4.79 -14.29 8.51
CA GLU B 39 -3.98 -13.72 7.43
C GLU B 39 -4.67 -13.86 6.08
N ALA B 40 -5.41 -14.93 5.85
CA ALA B 40 -6.05 -15.08 4.57
C ALA B 40 -7.23 -14.12 4.44
N TRP B 41 -7.97 -13.83 5.53
CA TRP B 41 -8.99 -12.81 5.46
C TRP B 41 -8.36 -11.44 5.20
N GLU B 42 -7.22 -11.17 5.82
CA GLU B 42 -6.56 -9.89 5.70
C GLU B 42 -6.19 -9.68 4.24
N GLU B 43 -5.64 -10.72 3.62
CA GLU B 43 -5.14 -10.58 2.27
C GLU B 43 -6.29 -10.46 1.30
N LEU B 44 -7.38 -11.16 1.57
CA LEU B 44 -8.58 -10.96 0.79
C LEU B 44 -9.04 -9.49 0.87
N GLY B 45 -9.05 -8.93 2.08
CA GLY B 45 -9.37 -7.54 2.33
C GLY B 45 -8.43 -6.61 1.58
N GLU B 46 -7.13 -6.89 1.62
CA GLU B 46 -6.15 -6.11 0.89
C GLU B 46 -6.39 -6.12 -0.62
N ALA B 47 -6.92 -7.21 -1.15
CA ALA B 47 -7.18 -7.32 -2.59
C ALA B 47 -8.24 -6.30 -2.98
N TYR B 48 -9.25 -6.12 -2.10
CA TYR B 48 -10.33 -5.17 -2.36
C TYR B 48 -9.84 -3.76 -2.15
N GLU B 49 -9.03 -3.58 -1.10
CA GLU B 49 -8.48 -2.27 -0.77
C GLU B 49 -7.60 -1.75 -1.91
N LYS B 50 -6.77 -2.62 -2.49
CA LYS B 50 -5.91 -2.22 -3.60
C LYS B 50 -6.72 -1.73 -4.79
N GLN B 51 -7.94 -2.25 -4.96
CA GLN B 51 -8.84 -1.81 -6.02
C GLN B 51 -9.77 -0.66 -5.60
N GLY B 52 -9.57 -0.09 -4.41
CA GLY B 52 -10.36 1.06 -3.98
C GLY B 52 -11.74 0.70 -3.44
N ASP B 53 -12.03 -0.58 -3.17
CA ASP B 53 -13.32 -0.97 -2.62
C ASP B 53 -13.22 -1.11 -1.10
N TYR B 54 -13.31 0.01 -0.39
CA TYR B 54 -13.02 0.04 1.03
C TYR B 54 -14.10 -0.74 1.80
N ASP B 55 -15.35 -0.70 1.34
CA ASP B 55 -16.41 -1.35 2.09
C ASP B 55 -16.21 -2.87 2.14
N GLU B 56 -15.89 -3.47 1.00
CA GLU B 56 -15.59 -4.89 1.00
C GLU B 56 -14.33 -5.18 1.80
N ALA B 57 -13.29 -4.36 1.60
CA ALA B 57 -12.05 -4.55 2.32
C ALA B 57 -12.35 -4.62 3.81
N ILE B 58 -13.16 -3.67 4.26
CA ILE B 58 -13.34 -3.51 5.70
C ILE B 58 -14.02 -4.75 6.26
N GLU B 59 -15.02 -5.27 5.56
CA GLU B 59 -15.66 -6.50 6.00
C GLU B 59 -14.65 -7.61 6.28
N TYR B 60 -13.68 -7.81 5.38
CA TYR B 60 -12.75 -8.90 5.54
C TYR B 60 -11.68 -8.57 6.59
N TYR B 61 -11.28 -7.31 6.69
CA TYR B 61 -10.34 -6.91 7.72
C TYR B 61 -10.95 -7.09 9.10
N GLN B 62 -12.27 -6.89 9.23
CA GLN B 62 -12.96 -7.11 10.50
C GLN B 62 -12.90 -8.58 10.91
N LYS B 63 -13.15 -9.46 9.94
CA LYS B 63 -13.05 -10.89 10.17
C LYS B 63 -11.63 -11.30 10.64
N ALA B 64 -10.56 -10.79 9.97
CA ALA B 64 -9.19 -11.05 10.34
C ALA B 64 -8.90 -10.62 11.77
N LEU B 65 -9.37 -9.43 12.12
CA LEU B 65 -9.12 -8.92 13.45
C LEU B 65 -9.81 -9.80 14.48
N GLU B 66 -11.05 -10.18 14.21
CA GLU B 66 -11.84 -10.91 15.18
C GLU B 66 -11.23 -12.28 15.40
N LEU B 67 -10.49 -12.80 14.42
CA LEU B 67 -9.82 -14.08 14.57
C LEU B 67 -8.49 -13.97 15.29
N ASP B 68 -7.79 -12.83 15.18
CA ASP B 68 -6.55 -12.68 15.92
C ASP B 68 -6.45 -11.26 16.46
N PRO B 69 -7.17 -10.88 17.53
CA PRO B 69 -7.15 -9.48 17.97
C PRO B 69 -5.85 -9.03 18.65
N ARG B 70 -4.88 -9.92 18.79
CA ARG B 70 -3.58 -9.58 19.34
C ARG B 70 -2.63 -9.04 18.28
N SER B 71 -3.05 -9.06 17.01
CA SER B 71 -2.19 -8.62 15.93
C SER B 71 -2.34 -7.11 15.73
N ALA B 72 -1.27 -6.38 16.09
CA ALA B 72 -1.25 -4.95 15.88
C ALA B 72 -1.53 -4.61 14.42
N GLU B 73 -0.96 -5.40 13.50
CA GLU B 73 -1.18 -5.19 12.08
C GLU B 73 -2.67 -5.28 11.71
N ALA B 74 -3.44 -6.18 12.32
CA ALA B 74 -4.85 -6.28 12.00
C ALA B 74 -5.60 -5.01 12.41
N TRP B 75 -5.24 -4.40 13.53
CA TRP B 75 -5.84 -3.12 13.90
C TRP B 75 -5.40 -2.01 12.97
N GLU B 76 -4.11 -2.01 12.60
CA GLU B 76 -3.57 -0.96 11.78
C GLU B 76 -4.25 -0.93 10.41
N GLU B 77 -4.41 -2.11 9.81
CA GLU B 77 -4.97 -2.27 8.47
C GLU B 77 -6.40 -1.70 8.42
N LEU B 78 -7.17 -1.90 9.49
CA LEU B 78 -8.49 -1.30 9.59
C LEU B 78 -8.41 0.22 9.76
N GLY B 79 -7.50 0.68 10.62
CA GLY B 79 -7.32 2.10 10.75
C GLY B 79 -7.02 2.78 9.41
N GLU B 80 -6.17 2.14 8.61
CA GLU B 80 -5.75 2.68 7.34
C GLU B 80 -6.96 2.81 6.40
N ALA B 81 -7.83 1.79 6.40
CA ALA B 81 -9.00 1.77 5.53
C ALA B 81 -10.00 2.86 5.93
N TYR B 82 -10.14 3.10 7.25
CA TYR B 82 -11.00 4.16 7.70
C TYR B 82 -10.41 5.52 7.35
N GLU B 83 -9.09 5.64 7.46
CA GLU B 83 -8.45 6.91 7.19
C GLU B 83 -8.71 7.27 5.73
N LYS B 84 -8.69 6.27 4.84
CA LYS B 84 -8.88 6.49 3.40
C LYS B 84 -10.31 6.90 3.06
N GLN B 85 -11.30 6.53 3.89
CA GLN B 85 -12.69 6.95 3.72
C GLN B 85 -13.00 8.29 4.38
N GLY B 86 -12.05 8.84 5.15
CA GLY B 86 -12.24 10.11 5.84
C GLY B 86 -12.85 9.90 7.23
N ASP B 87 -12.88 8.63 7.68
CA ASP B 87 -13.37 8.32 9.02
C ASP B 87 -12.25 8.47 10.02
N TYR B 88 -11.83 9.71 10.30
CA TYR B 88 -10.59 9.92 11.02
C TYR B 88 -10.72 9.49 12.48
N ASP B 89 -11.89 9.68 13.10
CA ASP B 89 -11.97 9.36 14.52
C ASP B 89 -11.89 7.85 14.74
N GLU B 90 -12.55 7.09 13.87
CA GLU B 90 -12.38 5.65 13.89
C GLU B 90 -10.96 5.21 13.54
N ALA B 91 -10.32 5.83 12.55
CA ALA B 91 -8.93 5.52 12.22
C ALA B 91 -8.09 5.65 13.49
N ILE B 92 -8.31 6.76 14.21
CA ILE B 92 -7.51 7.04 15.38
C ILE B 92 -7.69 5.94 16.43
N GLU B 93 -8.94 5.52 16.65
CA GLU B 93 -9.22 4.47 17.61
C GLU B 93 -8.45 3.20 17.29
N TYR B 94 -8.53 2.78 16.04
CA TYR B 94 -7.84 1.57 15.61
C TYR B 94 -6.32 1.71 15.75
N TYR B 95 -5.77 2.84 15.35
CA TYR B 95 -4.33 3.05 15.45
C TYR B 95 -3.88 3.08 16.89
N GLN B 96 -4.66 3.69 17.78
CA GLN B 96 -4.35 3.68 19.21
C GLN B 96 -4.24 2.28 19.78
N LYS B 97 -5.15 1.37 19.36
CA LYS B 97 -5.08 0.00 19.79
C LYS B 97 -3.85 -0.70 19.20
N ALA B 98 -3.53 -0.40 17.94
CA ALA B 98 -2.37 -1.01 17.32
C ALA B 98 -1.13 -0.60 18.12
N LEU B 99 -1.07 0.66 18.53
CA LEU B 99 0.09 1.18 19.24
C LEU B 99 0.19 0.67 20.68
N GLU B 100 -0.92 0.27 21.29
CA GLU B 100 -0.89 -0.39 22.58
C GLU B 100 -0.20 -1.75 22.41
N LEU B 101 -0.53 -2.47 21.33
CA LEU B 101 -0.03 -3.84 21.11
C LEU B 101 1.41 -3.83 20.59
N ASP B 102 1.70 -2.93 19.66
CA ASP B 102 3.04 -2.81 19.10
C ASP B 102 3.47 -1.35 19.10
N PRO B 103 3.94 -0.83 20.26
CA PRO B 103 4.38 0.55 20.36
C PRO B 103 5.66 0.95 19.61
N ARG B 104 6.37 -0.02 19.02
CA ARG B 104 7.55 0.28 18.23
C ARG B 104 7.23 0.36 16.74
N SER B 105 5.93 0.35 16.37
CA SER B 105 5.55 0.43 14.96
C SER B 105 5.70 1.86 14.46
N ALA B 106 6.80 2.19 13.79
CA ALA B 106 6.98 3.55 13.27
C ALA B 106 5.84 3.93 12.33
N GLU B 107 5.42 2.95 11.53
CA GLU B 107 4.41 3.17 10.51
C GLU B 107 3.10 3.53 11.20
N ALA B 108 2.75 2.86 12.30
CA ALA B 108 1.49 3.16 12.99
C ALA B 108 1.54 4.56 13.62
N TRP B 109 2.71 4.94 14.16
CA TRP B 109 2.84 6.30 14.66
C TRP B 109 2.63 7.33 13.55
N GLU B 110 3.19 7.07 12.37
CA GLU B 110 3.14 8.05 11.31
C GLU B 110 1.70 8.19 10.81
N GLU B 111 1.05 7.02 10.72
CA GLU B 111 -0.35 6.95 10.29
C GLU B 111 -1.25 7.72 11.26
N LEU B 112 -0.99 7.58 12.56
CA LEU B 112 -1.71 8.30 13.58
C LEU B 112 -1.51 9.79 13.33
N GLY B 113 -0.26 10.19 13.08
CA GLY B 113 0.04 11.57 12.75
C GLY B 113 -0.80 12.11 11.59
N GLU B 114 -0.94 11.32 10.53
CA GLU B 114 -1.64 11.75 9.33
C GLU B 114 -3.13 11.95 9.63
N ALA B 115 -3.70 11.06 10.44
CA ALA B 115 -5.09 11.18 10.85
C ALA B 115 -5.34 12.51 11.58
N TYR B 116 -4.46 12.89 12.51
CA TYR B 116 -4.60 14.15 13.22
C TYR B 116 -4.36 15.33 12.31
N GLU B 117 -3.36 15.22 11.42
CA GLU B 117 -3.10 16.29 10.45
C GLU B 117 -4.34 16.54 9.57
N LYS B 118 -5.04 15.48 9.19
CA LYS B 118 -6.21 15.63 8.35
C LYS B 118 -7.34 16.37 9.09
N GLN B 119 -7.39 16.25 10.42
CA GLN B 119 -8.39 16.94 11.24
C GLN B 119 -7.94 18.36 11.61
N GLY B 120 -6.75 18.78 11.14
CA GLY B 120 -6.24 20.11 11.42
C GLY B 120 -5.57 20.20 12.79
N ASP B 121 -5.19 19.05 13.36
CA ASP B 121 -4.57 19.03 14.68
C ASP B 121 -3.05 18.87 14.51
N TYR B 122 -2.38 20.01 14.22
CA TYR B 122 -0.98 19.98 13.84
C TYR B 122 -0.09 19.68 15.05
N ASP B 123 -0.51 20.11 16.24
CA ASP B 123 0.28 19.92 17.44
C ASP B 123 0.49 18.42 17.68
N GLU B 124 -0.62 17.69 17.62
CA GLU B 124 -0.62 16.24 17.82
C GLU B 124 0.12 15.57 16.68
N ALA B 125 -0.23 15.95 15.44
CA ALA B 125 0.41 15.39 14.26
C ALA B 125 1.93 15.49 14.42
N ILE B 126 2.42 16.62 14.93
CA ILE B 126 3.86 16.83 15.08
C ILE B 126 4.44 15.83 16.06
N GLU B 127 3.76 15.62 17.21
CA GLU B 127 4.21 14.66 18.22
C GLU B 127 4.37 13.29 17.58
N TYR B 128 3.38 12.86 16.80
CA TYR B 128 3.37 11.50 16.26
C TYR B 128 4.41 11.32 15.16
N TYR B 129 4.60 12.32 14.29
CA TYR B 129 5.63 12.23 13.28
C TYR B 129 7.01 12.22 13.93
N GLN B 130 7.20 13.01 14.98
CA GLN B 130 8.44 13.00 15.74
C GLN B 130 8.69 11.60 16.32
N LYS B 131 7.66 10.97 16.86
CA LYS B 131 7.84 9.65 17.42
C LYS B 131 8.19 8.67 16.32
N ALA B 132 7.52 8.77 15.14
CA ALA B 132 7.82 7.86 14.06
C ALA B 132 9.27 8.04 13.63
N LEU B 133 9.78 9.27 13.58
CA LEU B 133 11.16 9.51 13.13
C LEU B 133 12.20 8.99 14.12
N GLU B 134 11.87 9.01 15.42
CA GLU B 134 12.75 8.47 16.44
C GLU B 134 12.84 6.95 16.29
N LEU B 135 11.74 6.31 15.87
CA LEU B 135 11.74 4.87 15.64
C LEU B 135 12.36 4.51 14.29
N ASP B 136 12.09 5.30 13.24
CA ASP B 136 12.70 5.04 11.94
C ASP B 136 13.10 6.36 11.28
N PRO B 137 14.34 6.83 11.49
CA PRO B 137 14.72 8.16 11.03
C PRO B 137 14.84 8.28 9.51
N ARG B 138 14.81 7.12 8.84
CA ARG B 138 14.80 7.04 7.38
C ARG B 138 13.46 7.28 6.69
N SER B 139 12.37 7.44 7.44
CA SER B 139 11.12 7.68 6.76
C SER B 139 11.11 9.09 6.17
N ALA B 140 11.15 9.18 4.84
CA ALA B 140 10.95 10.46 4.17
C ALA B 140 9.53 10.95 4.38
N GLU B 141 8.59 10.00 4.43
CA GLU B 141 7.21 10.33 4.68
C GLU B 141 7.08 11.13 5.99
N ALA B 142 7.62 10.58 7.07
CA ALA B 142 7.47 11.22 8.37
C ALA B 142 8.15 12.59 8.38
N LYS B 143 9.30 12.71 7.70
CA LYS B 143 10.03 13.97 7.69
C LYS B 143 9.25 15.06 6.94
N GLN B 144 8.68 14.73 5.78
CA GLN B 144 7.91 15.68 4.97
C GLN B 144 6.69 16.15 5.73
N ASN B 145 5.99 15.18 6.32
CA ASN B 145 4.76 15.47 7.04
C ASN B 145 5.08 16.37 8.23
N LEU B 146 6.21 16.11 8.86
CA LEU B 146 6.65 16.89 10.00
C LEU B 146 6.81 18.35 9.55
N GLY B 147 7.49 18.55 8.43
CA GLY B 147 7.69 19.87 7.83
C GLY B 147 6.37 20.56 7.48
N ASN B 148 5.47 19.85 6.77
CA ASN B 148 4.19 20.42 6.39
C ASN B 148 3.39 20.79 7.62
N ALA B 149 3.39 19.90 8.62
CA ALA B 149 2.69 20.16 9.86
C ALA B 149 3.24 21.43 10.50
N LYS B 150 4.56 21.58 10.49
CA LYS B 150 5.24 22.68 11.16
C LYS B 150 4.89 24.02 10.48
N GLN B 151 4.83 24.04 9.14
CA GLN B 151 4.43 25.21 8.38
C GLN B 151 2.97 25.54 8.63
N LYS B 152 2.11 24.52 8.58
CA LYS B 152 0.67 24.68 8.77
C LYS B 152 0.36 25.19 10.18
N GLN B 153 1.32 25.08 11.09
CA GLN B 153 1.15 25.64 12.41
C GLN B 153 2.01 26.90 12.54
N GLY B 154 3.33 26.74 12.55
CA GLY B 154 4.27 27.79 12.93
C GLY B 154 4.56 28.77 11.81
#